data_5FT0
#
_entry.id   5FT0
#
_cell.length_a   72.040
_cell.length_b   65.020
_cell.length_c   85.400
_cell.angle_alpha   90.00
_cell.angle_beta   107.68
_cell.angle_gamma   90.00
#
_symmetry.space_group_name_H-M   'P 1 21 1'
#
loop_
_entity.id
_entity.type
_entity.pdbx_description
1 polymer GP37
2 non-polymer ARGININE
3 non-polymer 'POTASSIUM ION'
4 water water
#
_entity_poly.entity_id   1
_entity_poly.type   'polypeptide(L)'
_entity_poly.pdbx_seq_one_letter_code
;(MSE)TQFNITWEEQLQALSKLDGLHHPHKLEDISVHWVFNPVDISVFVTCAT(MSE)SSHNTHYTFKPQSSPDDA
(MSE)VREYVLSRIIADNLKYVDNLYLAAGAVICGNDEYISDGNVVGIHIADGVGGNKLILPVIEF(MSE)PGVHVDDIS
DKLIKSSSYQGIFKTDNLEEFEFLVDKKNANNVKELILAYTDYFANKLAFKDPAEPAVE(MSE)YQFIDRTEVYFSFEGC
HPDVEEVLFTIKIVRYNQPLNSTA(MSE)QVFLKNPLLSHIRTVVRQDLPAKFVGGVLFNFKGHHHHHH
;
_entity_poly.pdbx_strand_id   A,B
#
loop_
_chem_comp.id
_chem_comp.type
_chem_comp.name
_chem_comp.formula
K non-polymer 'POTASSIUM ION' 'K 1'
#
# COMPACT_ATOMS: atom_id res chain seq x y z
N THR A 2 -11.32 26.41 9.15
CA THR A 2 -11.46 26.09 10.57
C THR A 2 -10.64 24.84 10.91
N GLN A 3 -9.83 24.88 11.97
CA GLN A 3 -9.70 26.01 12.90
C GLN A 3 -9.10 27.26 12.24
N PHE A 4 -8.39 27.07 11.14
CA PHE A 4 -8.01 28.18 10.28
C PHE A 4 -7.61 27.63 8.92
N ASN A 5 -7.56 28.53 7.94
CA ASN A 5 -7.25 28.19 6.56
C ASN A 5 -5.92 28.81 6.14
N ILE A 6 -5.25 28.14 5.21
CA ILE A 6 -4.06 28.67 4.54
C ILE A 6 -4.38 28.67 3.05
N THR A 7 -4.58 29.85 2.47
CA THR A 7 -4.92 29.88 1.05
C THR A 7 -3.71 29.50 0.22
N TRP A 8 -3.98 29.08 -1.02
CA TRP A 8 -2.88 28.73 -1.91
C TRP A 8 -2.02 29.94 -2.24
N GLU A 9 -2.58 31.15 -2.15
CA GLU A 9 -1.80 32.35 -2.43
C GLU A 9 -0.75 32.59 -1.34
N GLU A 10 -1.08 32.37 -0.06
CA GLU A 10 -0.07 32.50 0.98
C GLU A 10 1.05 31.49 0.78
N GLN A 11 0.70 30.26 0.38
CA GLN A 11 1.72 29.26 0.13
C GLN A 11 2.62 29.67 -1.04
N LEU A 12 2.01 30.09 -2.15
CA LEU A 12 2.78 30.47 -3.33
C LEU A 12 3.67 31.67 -3.04
N GLN A 13 3.19 32.61 -2.22
CA GLN A 13 4.00 33.77 -1.87
C GLN A 13 5.24 33.36 -1.08
N ALA A 14 5.09 32.43 -0.13
CA ALA A 14 6.24 31.92 0.60
C ALA A 14 7.16 31.14 -0.33
N LEU A 15 6.59 30.29 -1.20
CA LEU A 15 7.41 29.50 -2.11
C LEU A 15 8.16 30.37 -3.11
N SER A 16 7.59 31.52 -3.48
CA SER A 16 8.24 32.40 -4.45
C SER A 16 9.52 33.02 -3.91
N LYS A 17 9.75 32.99 -2.60
CA LYS A 17 11.00 33.48 -2.05
C LYS A 17 12.14 32.48 -2.18
N LEU A 18 11.85 31.25 -2.57
CA LEU A 18 12.87 30.23 -2.77
C LEU A 18 13.57 30.46 -4.11
N ASP A 19 14.89 30.65 -4.07
CA ASP A 19 15.69 30.71 -5.28
C ASP A 19 15.51 29.46 -6.12
N GLY A 20 15.40 29.65 -7.44
CA GLY A 20 15.39 28.55 -8.38
C GLY A 20 14.14 27.72 -8.41
N LEU A 21 13.10 28.08 -7.66
CA LEU A 21 11.84 27.35 -7.68
C LEU A 21 10.92 27.97 -8.73
N HIS A 22 10.53 27.18 -9.73
CA HIS A 22 9.61 27.64 -10.75
C HIS A 22 8.44 26.72 -10.98
N HIS A 23 8.52 25.45 -10.59
CA HIS A 23 7.45 24.47 -10.81
C HIS A 23 7.11 23.81 -9.49
N PRO A 24 6.42 24.53 -8.61
CA PRO A 24 6.03 23.94 -7.32
C PRO A 24 4.97 22.88 -7.51
N HIS A 25 4.76 22.11 -6.45
CA HIS A 25 3.65 21.17 -6.40
C HIS A 25 2.33 21.92 -6.58
N LYS A 26 1.29 21.22 -7.02
CA LYS A 26 -0.05 21.80 -7.06
C LYS A 26 -0.40 22.35 -5.68
N LEU A 27 -0.88 23.60 -5.65
CA LEU A 27 -1.20 24.29 -4.40
C LEU A 27 -2.69 24.57 -4.33
N GLU A 28 -3.31 24.16 -3.23
CA GLU A 28 -4.71 24.42 -2.96
C GLU A 28 -4.87 24.99 -1.57
N ASP A 29 -6.03 25.62 -1.32
CA ASP A 29 -6.36 26.09 0.02
C ASP A 29 -6.32 24.92 1.00
N ILE A 30 -5.71 25.16 2.16
CA ILE A 30 -5.57 24.16 3.22
C ILE A 30 -6.54 24.53 4.33
N SER A 31 -7.35 23.56 4.77
CA SER A 31 -8.08 23.70 6.03
C SER A 31 -7.26 23.00 7.11
N VAL A 32 -6.91 23.73 8.17
CA VAL A 32 -6.00 23.24 9.19
C VAL A 32 -6.76 23.05 10.50
N HIS A 33 -6.66 21.85 11.06
CA HIS A 33 -7.11 21.55 12.41
C HIS A 33 -5.91 21.16 13.25
N TRP A 34 -5.95 21.53 14.53
CA TRP A 34 -4.89 21.15 15.45
C TRP A 34 -5.43 21.06 16.87
N VAL A 35 -4.78 20.23 17.67
CA VAL A 35 -5.15 20.04 19.08
C VAL A 35 -3.85 19.85 19.88
N PHE A 36 -3.81 20.45 21.06
CA PHE A 36 -2.65 20.37 21.94
C PHE A 36 -2.82 19.24 22.94
N ASN A 37 -1.75 18.48 23.16
CA ASN A 37 -1.77 17.39 24.13
C ASN A 37 -0.86 17.73 25.30
N PRO A 38 -1.42 18.05 26.47
CA PRO A 38 -0.57 18.49 27.59
C PRO A 38 0.28 17.39 28.20
N VAL A 39 -0.07 16.11 28.03
CA VAL A 39 0.65 15.05 28.70
C VAL A 39 2.06 14.91 28.13
N ASP A 40 2.18 14.86 26.80
CA ASP A 40 3.48 14.78 26.16
C ASP A 40 3.94 16.11 25.56
N ILE A 41 3.15 17.18 25.75
CA ILE A 41 3.48 18.51 25.28
C ILE A 41 3.72 18.50 23.77
N SER A 42 2.72 18.08 23.01
CA SER A 42 2.85 18.04 21.56
C SER A 42 1.58 18.59 20.92
N VAL A 43 1.73 19.00 19.67
CA VAL A 43 0.62 19.52 18.87
C VAL A 43 0.42 18.57 17.70
N PHE A 44 -0.79 18.06 17.56
CA PHE A 44 -1.17 17.25 16.41
C PHE A 44 -1.90 18.13 15.41
N VAL A 45 -1.49 18.06 14.14
CA VAL A 45 -2.00 18.94 13.10
C VAL A 45 -2.59 18.09 11.99
N THR A 46 -3.74 18.52 11.47
CA THR A 46 -4.39 17.87 10.32
C THR A 46 -4.62 18.91 9.24
N CYS A 47 -4.22 18.59 8.01
CA CYS A 47 -4.34 19.48 6.87
C CYS A 47 -5.17 18.79 5.78
N ALA A 48 -6.18 19.48 5.27
CA ALA A 48 -7.11 18.90 4.31
C ALA A 48 -7.26 19.80 3.10
N THR A 49 -7.18 19.21 1.92
CA THR A 49 -7.44 19.87 0.65
C THR A 49 -8.57 19.16 -0.08
N MSE A 50 -8.93 19.70 -1.24
CA MSE A 50 -9.95 19.11 -2.08
C MSE A 50 -9.39 17.91 -2.85
O MSE A 50 -10.04 16.86 -2.93
CB MSE A 50 -10.53 20.15 -3.04
CG MSE A 50 -11.87 19.74 -3.64
SE MSE A 50 -12.27 20.74 -5.26
CE MSE A 50 -10.80 20.10 -6.37
N SER A 51 -8.20 18.08 -3.42
CA SER A 51 -7.67 17.09 -4.35
C SER A 51 -6.89 15.96 -3.68
N SER A 52 -6.04 16.25 -2.69
CA SER A 52 -5.18 15.24 -2.08
C SER A 52 -5.08 15.43 -0.55
N HIS A 53 -6.22 15.29 0.12
CA HIS A 53 -6.29 15.31 1.60
C HIS A 53 -6.18 13.87 2.10
N ASN A 54 -5.75 13.59 3.34
CA ASN A 54 -5.33 14.48 4.42
C ASN A 54 -3.83 14.28 4.75
N THR A 55 -3.15 15.31 5.23
CA THR A 55 -1.81 15.16 5.79
C THR A 55 -1.82 15.46 7.29
N HIS A 56 -0.86 14.88 8.01
CA HIS A 56 -0.79 14.99 9.46
C HIS A 56 0.63 15.27 9.90
N TYR A 57 0.76 16.07 10.96
CA TYR A 57 2.05 16.39 11.55
C TYR A 57 1.97 16.37 13.06
N THR A 58 3.12 16.19 13.71
CA THR A 58 3.25 16.33 15.15
C THR A 58 4.55 17.07 15.44
N PHE A 59 4.46 18.13 16.25
CA PHE A 59 5.65 18.87 16.64
C PHE A 59 5.55 19.25 18.12
N LYS A 60 6.70 19.61 18.69
CA LYS A 60 6.78 19.98 20.09
C LYS A 60 6.83 21.50 20.20
N PRO A 61 5.79 22.16 20.71
CA PRO A 61 5.82 23.63 20.79
C PRO A 61 6.83 24.13 21.81
N GLN A 62 7.42 25.28 21.50
CA GLN A 62 8.37 25.95 22.39
C GLN A 62 7.74 27.10 23.17
N SER A 63 6.46 27.37 22.93
CA SER A 63 5.66 28.25 23.76
C SER A 63 4.21 27.80 23.62
N SER A 64 3.30 28.48 24.29
CA SER A 64 1.90 28.06 24.26
C SER A 64 1.39 28.08 22.82
N PRO A 65 0.85 26.97 22.33
CA PRO A 65 0.45 26.91 20.92
C PRO A 65 -0.72 27.83 20.61
N ASP A 66 -0.74 28.32 19.38
CA ASP A 66 -1.85 29.10 18.85
C ASP A 66 -1.85 28.94 17.33
N ASP A 67 -2.83 29.57 16.67
CA ASP A 67 -2.95 29.45 15.22
C ASP A 67 -1.70 29.96 14.51
N ALA A 68 -1.20 31.13 14.91
CA ALA A 68 -0.06 31.73 14.23
C ALA A 68 1.14 30.78 14.23
N MSE A 69 1.37 30.08 15.32
CA MSE A 69 2.46 29.11 15.40
C MSE A 69 2.20 27.91 14.48
O MSE A 69 3.10 27.45 13.77
CB MSE A 69 2.65 28.63 16.83
CG MSE A 69 3.61 27.44 16.95
SE MSE A 69 3.60 26.62 18.72
CE MSE A 69 4.39 28.09 19.73
N VAL A 70 0.97 27.39 14.50
CA VAL A 70 0.64 26.25 13.65
C VAL A 70 0.69 26.64 12.19
N ARG A 71 0.23 27.86 11.87
CA ARG A 71 0.31 28.34 10.49
CA ARG A 71 0.31 28.34 10.49
C ARG A 71 1.76 28.41 10.03
N GLU A 72 2.65 28.92 10.87
CA GLU A 72 4.06 28.97 10.53
C GLU A 72 4.63 27.57 10.34
N TYR A 73 4.28 26.65 11.25
CA TYR A 73 4.81 25.29 11.15
C TYR A 73 4.39 24.62 9.85
N VAL A 74 3.11 24.73 9.50
CA VAL A 74 2.62 24.08 8.28
C VAL A 74 3.30 24.68 7.06
N LEU A 75 3.50 26.01 7.05
CA LEU A 75 4.21 26.64 5.95
C LEU A 75 5.63 26.08 5.82
N SER A 76 6.30 25.87 6.96
CA SER A 76 7.67 25.35 6.91
C SER A 76 7.72 23.94 6.33
N ARG A 77 6.66 23.15 6.54
CA ARG A 77 6.59 21.83 5.93
C ARG A 77 6.31 21.94 4.43
N ILE A 78 5.49 22.91 4.02
CA ILE A 78 5.22 23.09 2.59
C ILE A 78 6.46 23.58 1.87
N ILE A 79 7.20 24.52 2.48
CA ILE A 79 8.44 25.01 1.89
C ILE A 79 9.43 23.86 1.71
N ALA A 80 9.66 23.10 2.78
CA ALA A 80 10.58 21.96 2.70
C ALA A 80 10.11 20.95 1.66
N ASP A 81 8.79 20.74 1.56
CA ASP A 81 8.25 19.80 0.58
C ASP A 81 8.57 20.20 -0.85
N ASN A 82 8.73 21.50 -1.12
CA ASN A 82 8.91 21.98 -2.48
C ASN A 82 10.37 22.24 -2.84
N LEU A 83 11.29 22.07 -1.89
CA LEU A 83 12.71 22.14 -2.22
C LEU A 83 13.10 21.11 -3.26
N LYS A 84 12.41 19.97 -3.28
CA LYS A 84 12.67 18.92 -4.26
C LYS A 84 12.50 19.42 -5.69
N TYR A 85 11.70 20.47 -5.90
CA TYR A 85 11.41 20.98 -7.23
C TYR A 85 12.26 22.18 -7.61
N VAL A 86 13.14 22.64 -6.73
CA VAL A 86 14.13 23.63 -7.11
C VAL A 86 15.00 23.08 -8.22
N ASP A 87 15.19 23.88 -9.27
CA ASP A 87 15.87 23.45 -10.48
C ASP A 87 17.11 22.59 -10.22
N ASN A 88 18.11 23.16 -9.55
CA ASN A 88 19.37 22.45 -9.36
C ASN A 88 19.24 21.25 -8.43
N LEU A 89 18.26 21.26 -7.51
CA LEU A 89 18.05 20.10 -6.65
C LEU A 89 17.28 19.01 -7.38
N TYR A 90 16.27 19.41 -8.16
CA TYR A 90 15.55 18.44 -8.99
C TYR A 90 16.48 17.80 -10.02
N LEU A 91 17.37 18.60 -10.62
CA LEU A 91 18.30 18.07 -11.61
C LEU A 91 19.29 17.12 -10.95
N ALA A 92 19.79 17.46 -9.77
CA ALA A 92 20.74 16.59 -9.08
C ALA A 92 20.11 15.27 -8.69
N ALA A 93 18.80 15.27 -8.37
CA ALA A 93 18.11 14.02 -8.11
C ALA A 93 17.90 13.22 -9.39
N GLY A 94 17.60 13.89 -10.50
CA GLY A 94 17.41 13.20 -11.75
C GLY A 94 18.67 12.50 -12.23
N ALA A 95 19.84 13.09 -11.94
CA ALA A 95 21.10 12.46 -12.34
C ALA A 95 21.33 11.15 -11.59
N VAL A 96 20.93 11.09 -10.31
CA VAL A 96 21.02 9.84 -9.57
C VAL A 96 20.05 8.80 -10.15
N ILE A 97 18.82 9.23 -10.42
CA ILE A 97 17.80 8.30 -10.87
C ILE A 97 18.12 7.76 -12.26
N CYS A 98 18.45 8.66 -13.19
CA CYS A 98 18.75 8.24 -14.56
C CYS A 98 20.10 7.53 -14.67
N GLY A 99 20.96 7.66 -13.66
CA GLY A 99 22.24 6.99 -13.65
C GLY A 99 22.22 5.54 -13.24
N ASN A 100 21.03 4.97 -13.04
CA ASN A 100 20.90 3.56 -12.68
C ASN A 100 19.55 3.08 -13.15
N ASP A 101 19.55 2.09 -14.06
CA ASP A 101 18.31 1.56 -14.60
C ASP A 101 17.47 0.87 -13.53
N GLU A 102 18.09 0.39 -12.45
CA GLU A 102 17.35 -0.25 -11.36
C GLU A 102 16.75 0.76 -10.39
N TYR A 103 17.31 1.96 -10.29
CA TYR A 103 16.72 3.01 -9.47
C TYR A 103 15.41 3.49 -10.09
N ILE A 104 14.34 3.47 -9.30
CA ILE A 104 13.10 4.14 -9.66
C ILE A 104 12.76 5.12 -8.56
N SER A 105 11.99 6.14 -8.94
CA SER A 105 11.56 7.19 -8.02
C SER A 105 10.05 7.10 -7.83
N ASP A 106 9.61 7.13 -6.58
CA ASP A 106 8.18 7.12 -6.27
C ASP A 106 7.99 7.86 -4.95
N GLY A 107 7.26 8.98 -5.01
CA GLY A 107 7.15 9.82 -3.83
C GLY A 107 8.51 10.36 -3.46
N ASN A 108 8.84 10.26 -2.17
CA ASN A 108 10.13 10.73 -1.66
C ASN A 108 11.19 9.65 -1.66
N VAL A 109 10.95 8.51 -2.31
CA VAL A 109 11.81 7.34 -2.21
C VAL A 109 12.44 7.05 -3.57
N VAL A 110 13.75 6.91 -3.59
CA VAL A 110 14.49 6.33 -4.71
C VAL A 110 14.99 4.97 -4.26
N GLY A 111 14.68 3.94 -5.05
CA GLY A 111 15.10 2.60 -4.67
C GLY A 111 14.75 1.59 -5.72
N ILE A 112 14.72 0.33 -5.31
CA ILE A 112 14.54 -0.82 -6.20
C ILE A 112 13.08 -1.23 -6.17
N HIS A 113 12.46 -1.34 -7.35
CA HIS A 113 11.09 -1.81 -7.42
C HIS A 113 11.00 -3.26 -7.01
N ILE A 114 9.96 -3.59 -6.24
CA ILE A 114 9.72 -4.95 -5.75
C ILE A 114 8.43 -5.52 -6.31
N ALA A 115 7.32 -4.81 -6.12
CA ALA A 115 6.02 -5.31 -6.53
C ALA A 115 5.09 -4.14 -6.80
N ASP A 116 4.02 -4.41 -7.55
CA ASP A 116 3.04 -3.40 -7.90
C ASP A 116 1.84 -3.38 -6.96
N GLY A 117 1.81 -4.23 -5.94
CA GLY A 117 0.86 -4.13 -4.85
C GLY A 117 -0.58 -4.04 -5.29
N VAL A 118 -1.33 -3.16 -4.63
CA VAL A 118 -2.76 -3.00 -4.84
C VAL A 118 -3.07 -1.52 -5.04
N GLY A 119 -3.99 -1.24 -5.97
CA GLY A 119 -4.53 0.09 -6.18
C GLY A 119 -3.54 1.24 -6.22
N GLY A 120 -2.53 1.12 -7.07
CA GLY A 120 -1.54 2.18 -7.23
C GLY A 120 -0.38 2.13 -6.26
N ASN A 121 -0.42 1.26 -5.25
CA ASN A 121 0.70 1.11 -4.35
C ASN A 121 1.88 0.49 -5.06
N LYS A 122 3.08 0.87 -4.64
CA LYS A 122 4.31 0.26 -5.14
C LYS A 122 5.15 -0.19 -3.96
N LEU A 123 5.54 -1.46 -3.97
CA LEU A 123 6.47 -1.99 -2.99
C LEU A 123 7.88 -1.76 -3.53
N ILE A 124 8.70 -1.06 -2.74
CA ILE A 124 10.01 -0.60 -3.17
CA ILE A 124 10.00 -0.61 -3.18
C ILE A 124 11.02 -0.84 -2.06
N LEU A 125 12.24 -1.22 -2.44
CA LEU A 125 13.34 -1.32 -1.50
C LEU A 125 14.07 0.02 -1.47
N PRO A 126 13.95 0.79 -0.39
CA PRO A 126 14.48 2.16 -0.42
C PRO A 126 16.00 2.20 -0.38
N VAL A 127 16.56 3.14 -1.15
CA VAL A 127 18.00 3.41 -1.15
C VAL A 127 18.28 4.84 -0.71
N ILE A 128 17.61 5.82 -1.33
CA ILE A 128 17.69 7.22 -0.94
C ILE A 128 16.28 7.67 -0.59
N GLU A 129 16.13 8.25 0.59
CA GLU A 129 14.84 8.75 1.05
C GLU A 129 14.95 10.23 1.34
N PHE A 130 14.14 11.03 0.65
CA PHE A 130 14.03 12.44 0.95
C PHE A 130 13.04 12.65 2.11
N MSE A 131 13.45 13.43 3.09
CA MSE A 131 12.62 13.62 4.28
C MSE A 131 12.46 15.10 4.62
O MSE A 131 13.09 15.61 5.56
CB MSE A 131 13.22 12.87 5.47
CG MSE A 131 13.46 11.39 5.20
SE MSE A 131 14.38 10.49 6.66
CE MSE A 131 13.02 10.67 8.05
N PRO A 132 11.60 15.79 3.86
CA PRO A 132 11.40 17.23 4.12
C PRO A 132 10.73 17.46 5.46
N GLY A 133 11.16 18.53 6.13
CA GLY A 133 10.61 18.89 7.43
C GLY A 133 11.14 18.08 8.59
N VAL A 134 12.10 17.20 8.37
CA VAL A 134 12.65 16.33 9.41
C VAL A 134 14.12 16.64 9.56
N HIS A 135 14.60 16.65 10.82
CA HIS A 135 16.00 16.77 11.14
C HIS A 135 16.42 15.58 11.98
N VAL A 136 17.64 15.08 11.76
CA VAL A 136 18.06 13.84 12.41
C VAL A 136 18.16 14.01 13.92
N ASP A 137 18.42 15.23 14.40
CA ASP A 137 18.53 15.46 15.83
C ASP A 137 17.22 15.17 16.57
N ASP A 138 16.10 15.10 15.85
CA ASP A 138 14.81 14.85 16.48
C ASP A 138 14.44 13.36 16.50
N ILE A 139 15.21 12.50 15.84
CA ILE A 139 14.93 11.07 15.86
C ILE A 139 16.19 10.31 16.28
N SER A 140 17.23 11.05 16.67
CA SER A 140 18.51 10.41 16.95
C SER A 140 18.43 9.47 18.15
N ASP A 141 17.66 9.85 19.18
CA ASP A 141 17.49 8.97 20.34
C ASP A 141 16.92 7.62 19.93
N LYS A 142 15.88 7.64 19.10
CA LYS A 142 15.32 6.38 18.60
C LYS A 142 16.33 5.64 17.74
N LEU A 143 17.14 6.37 16.97
CA LEU A 143 18.12 5.72 16.10
C LEU A 143 19.26 5.11 16.90
N ILE A 144 19.70 5.80 17.96
CA ILE A 144 20.80 5.28 18.77
C ILE A 144 20.38 4.01 19.50
N LYS A 145 19.17 4.00 20.06
CA LYS A 145 18.71 2.84 20.81
C LYS A 145 18.57 1.61 19.92
N SER A 146 18.07 1.80 18.70
CA SER A 146 17.74 0.69 17.82
C SER A 146 18.90 0.24 16.94
N SER A 147 20.03 0.93 16.97
CA SER A 147 21.17 0.60 16.12
C SER A 147 22.28 -0.05 16.95
N SER A 148 23.19 -0.71 16.25
CA SER A 148 24.33 -1.35 16.93
C SER A 148 25.30 -0.29 17.46
N TYR A 149 25.75 0.61 16.59
CA TYR A 149 26.68 1.66 16.97
C TYR A 149 26.63 2.77 15.93
N GLN A 150 27.26 3.89 16.25
CA GLN A 150 27.42 5.00 15.32
C GLN A 150 28.82 5.00 14.74
N GLY A 151 28.94 5.58 13.55
CA GLY A 151 30.24 5.78 12.93
C GLY A 151 30.43 7.24 12.54
N ILE A 152 31.53 7.55 11.86
CA ILE A 152 31.79 8.91 11.39
C ILE A 152 31.85 8.87 9.87
N PHE A 153 31.01 9.67 9.22
CA PHE A 153 30.92 9.74 7.77
C PHE A 153 31.44 11.09 7.31
N LYS A 154 32.32 11.07 6.30
CA LYS A 154 32.91 12.29 5.75
C LYS A 154 32.36 12.52 4.35
N THR A 155 31.73 13.68 4.15
CA THR A 155 31.14 13.99 2.84
C THR A 155 32.20 14.35 1.81
N ASP A 156 33.39 14.78 2.25
CA ASP A 156 34.47 15.08 1.30
C ASP A 156 34.91 13.84 0.55
N ASN A 157 34.79 12.67 1.17
CA ASN A 157 35.40 11.45 0.66
C ASN A 157 34.42 10.73 -0.26
N LEU A 158 34.81 10.57 -1.53
CA LEU A 158 33.98 9.85 -2.49
C LEU A 158 33.95 8.35 -2.21
N GLU A 159 35.05 7.80 -1.70
CA GLU A 159 35.10 6.36 -1.45
C GLU A 159 34.07 5.93 -0.42
N GLU A 160 33.70 6.83 0.51
CA GLU A 160 32.64 6.51 1.44
C GLU A 160 31.28 6.49 0.74
N PHE A 161 31.10 7.32 -0.29
CA PHE A 161 29.91 7.19 -1.12
C PHE A 161 29.97 5.95 -2.01
N GLU A 162 31.19 5.50 -2.36
CA GLU A 162 31.32 4.22 -3.05
C GLU A 162 30.94 3.07 -2.13
N PHE A 163 31.21 3.20 -0.84
CA PHE A 163 30.76 2.19 0.12
C PHE A 163 29.24 2.17 0.21
N LEU A 164 28.60 3.35 0.18
CA LEU A 164 27.17 3.43 0.44
C LEU A 164 26.36 2.91 -0.75
N VAL A 165 26.67 3.38 -1.96
CA VAL A 165 25.78 3.16 -3.10
C VAL A 165 26.54 2.58 -4.30
N ASP A 166 27.70 1.95 -4.04
CA ASP A 166 28.64 1.40 -5.01
C ASP A 166 29.08 2.41 -6.08
N LYS A 167 30.07 2.03 -6.88
CA LYS A 167 30.77 2.99 -7.75
C LYS A 167 29.89 3.52 -8.87
N LYS A 168 28.86 2.79 -9.28
CA LYS A 168 28.03 3.26 -10.39
C LYS A 168 27.27 4.54 -10.04
N ASN A 169 26.90 4.70 -8.78
CA ASN A 169 26.07 5.81 -8.34
C ASN A 169 26.81 6.79 -7.43
N ALA A 170 28.05 6.49 -7.05
CA ALA A 170 28.70 7.19 -5.95
C ALA A 170 28.83 8.69 -6.22
N ASN A 171 29.25 9.06 -7.44
CA ASN A 171 29.49 10.46 -7.71
C ASN A 171 28.18 11.24 -7.90
N ASN A 172 27.19 10.62 -8.54
CA ASN A 172 25.88 11.27 -8.65
C ASN A 172 25.26 11.49 -7.29
N VAL A 173 25.40 10.52 -6.38
CA VAL A 173 24.83 10.67 -5.05
C VAL A 173 25.59 11.71 -4.24
N LYS A 174 26.92 11.71 -4.35
CA LYS A 174 27.73 12.73 -3.68
C LYS A 174 27.35 14.13 -4.16
N GLU A 175 27.08 14.28 -5.47
CA GLU A 175 26.66 15.57 -5.99
C GLU A 175 25.27 15.94 -5.52
N LEU A 176 24.41 14.95 -5.28
CA LEU A 176 23.08 15.25 -4.74
C LEU A 176 23.19 15.84 -3.33
N ILE A 177 23.99 15.22 -2.47
CA ILE A 177 24.23 15.76 -1.14
C ILE A 177 24.84 17.15 -1.23
N LEU A 178 25.83 17.31 -2.11
CA LEU A 178 26.51 18.60 -2.26
C LEU A 178 25.53 19.68 -2.68
N ALA A 179 24.64 19.37 -3.63
CA ALA A 179 23.68 20.34 -4.11
C ALA A 179 22.78 20.83 -2.98
N TYR A 180 22.27 19.90 -2.17
CA TYR A 180 21.48 20.30 -1.01
C TYR A 180 22.32 21.06 0.00
N THR A 181 23.58 20.64 0.19
CA THR A 181 24.46 21.32 1.11
C THR A 181 24.72 22.76 0.67
N ASP A 182 25.01 22.95 -0.61
CA ASP A 182 25.26 24.30 -1.13
C ASP A 182 23.99 25.14 -1.09
N TYR A 183 22.86 24.56 -1.48
CA TYR A 183 21.61 25.33 -1.51
C TYR A 183 21.27 25.86 -0.13
N PHE A 184 21.35 25.02 0.90
CA PHE A 184 21.02 25.49 2.24
C PHE A 184 22.03 26.53 2.73
N ALA A 185 23.32 26.32 2.43
CA ALA A 185 24.34 27.24 2.93
C ALA A 185 24.30 28.58 2.21
N ASN A 186 23.97 28.58 0.91
CA ASN A 186 24.04 29.80 0.10
C ASN A 186 22.68 30.44 -0.16
N LYS A 187 21.60 29.66 -0.17
CA LYS A 187 20.29 30.18 -0.52
C LYS A 187 19.33 30.26 0.65
N LEU A 188 19.62 29.56 1.75
CA LEU A 188 18.78 29.58 2.95
C LEU A 188 19.62 29.93 4.16
N ALA A 189 20.56 30.85 3.99
CA ALA A 189 21.58 31.08 4.99
C ALA A 189 21.04 31.88 6.17
N PHE A 190 21.49 31.50 7.38
CA PHE A 190 21.31 32.31 8.56
C PHE A 190 22.46 33.31 8.67
N LYS A 191 22.19 34.40 9.40
CA LYS A 191 23.28 35.34 9.72
C LYS A 191 24.42 34.62 10.43
N ASP A 192 24.10 33.77 11.40
CA ASP A 192 25.07 32.88 12.01
C ASP A 192 25.00 31.55 11.29
N PRO A 193 25.99 31.20 10.46
CA PRO A 193 25.83 30.07 9.54
C PRO A 193 25.52 28.76 10.26
N ALA A 194 24.55 28.03 9.71
CA ALA A 194 24.16 26.73 10.23
C ALA A 194 25.03 25.65 9.61
N GLU A 195 25.53 24.77 10.43
CA GLU A 195 26.32 23.70 9.84
C GLU A 195 25.43 22.48 9.58
N PRO A 196 25.61 21.81 8.45
CA PRO A 196 24.83 20.60 8.18
C PRO A 196 25.18 19.49 9.16
N ALA A 197 24.21 18.62 9.41
CA ALA A 197 24.38 17.49 10.29
C ALA A 197 24.53 16.22 9.46
N VAL A 198 25.56 15.44 9.76
CA VAL A 198 25.78 14.14 9.13
C VAL A 198 25.93 13.11 10.25
N GLU A 199 25.08 12.08 10.23
CA GLU A 199 25.12 11.06 11.26
C GLU A 199 24.95 9.69 10.62
N MSE A 200 25.90 8.80 10.88
CA MSE A 200 25.87 7.45 10.36
C MSE A 200 25.51 6.46 11.45
O MSE A 200 26.03 6.53 12.56
CB MSE A 200 27.21 7.08 9.73
CG MSE A 200 27.35 5.61 9.37
SE MSE A 200 28.86 5.23 8.18
CE MSE A 200 30.31 5.83 9.32
N TYR A 201 24.59 5.55 11.14
CA TYR A 201 24.14 4.54 12.10
C TYR A 201 24.36 3.16 11.49
N GLN A 202 24.96 2.27 12.26
CA GLN A 202 25.19 0.89 11.83
C GLN A 202 24.19 -0.01 12.53
N PHE A 203 23.40 -0.73 11.75
CA PHE A 203 22.54 -1.78 12.24
C PHE A 203 23.16 -3.12 11.88
N ILE A 204 22.56 -4.20 12.41
CA ILE A 204 23.09 -5.52 12.11
C ILE A 204 22.98 -5.83 10.62
N ASP A 205 21.92 -5.32 9.96
CA ASP A 205 21.64 -5.69 8.58
C ASP A 205 21.80 -4.54 7.59
N ARG A 206 22.16 -3.34 8.04
CA ARG A 206 22.23 -2.21 7.12
C ARG A 206 22.98 -1.06 7.76
N THR A 207 23.38 -0.10 6.93
CA THR A 207 23.95 1.16 7.35
C THR A 207 23.07 2.28 6.85
N GLU A 208 22.73 3.22 7.73
CA GLU A 208 21.93 4.39 7.37
C GLU A 208 22.71 5.65 7.68
N VAL A 209 22.84 6.52 6.68
CA VAL A 209 23.52 7.81 6.83
C VAL A 209 22.48 8.90 6.62
N TYR A 210 22.37 9.80 7.59
CA TYR A 210 21.41 10.89 7.55
C TYR A 210 22.14 12.20 7.30
N PHE A 211 21.68 12.94 6.29
CA PHE A 211 22.19 14.28 5.99
C PHE A 211 21.07 15.27 6.27
N SER A 212 21.20 16.02 7.35
CA SER A 212 20.17 16.97 7.77
C SER A 212 20.64 18.40 7.55
N PHE A 213 19.66 19.28 7.33
CA PHE A 213 19.94 20.67 6.98
C PHE A 213 18.94 21.58 7.67
N GLU A 214 19.39 22.80 7.99
CA GLU A 214 18.56 23.82 8.58
C GLU A 214 18.66 25.06 7.71
N GLY A 215 17.52 25.61 7.32
CA GLY A 215 17.48 26.73 6.39
C GLY A 215 16.75 27.92 6.96
N CYS A 216 17.23 29.11 6.59
CA CYS A 216 16.58 30.36 6.96
C CYS A 216 15.64 30.79 5.84
N HIS A 217 14.39 31.06 6.19
CA HIS A 217 13.38 31.53 5.26
C HIS A 217 12.63 32.68 5.91
N PRO A 218 12.30 33.73 5.15
CA PRO A 218 11.72 34.94 5.76
C PRO A 218 10.41 34.73 6.49
N ASP A 219 9.66 33.68 6.18
CA ASP A 219 8.29 33.52 6.69
C ASP A 219 8.17 32.50 7.81
N VAL A 220 9.23 31.76 8.12
CA VAL A 220 9.16 30.70 9.12
C VAL A 220 10.40 30.76 9.99
N GLU A 221 10.31 30.13 11.15
CA GLU A 221 11.47 30.07 12.04
C GLU A 221 12.61 29.28 11.41
N GLU A 222 12.29 28.22 10.67
CA GLU A 222 13.31 27.30 10.22
C GLU A 222 12.75 26.41 9.12
N VAL A 223 13.58 26.07 8.15
CA VAL A 223 13.28 25.04 7.16
C VAL A 223 14.18 23.85 7.43
N LEU A 224 13.58 22.67 7.56
CA LEU A 224 14.32 21.44 7.85
C LEU A 224 14.21 20.49 6.66
N PHE A 225 15.28 19.77 6.39
CA PHE A 225 15.29 18.78 5.33
C PHE A 225 16.35 17.73 5.65
N THR A 226 15.99 16.46 5.47
CA THR A 226 16.90 15.35 5.69
C THR A 226 16.89 14.44 4.48
N ILE A 227 18.07 13.96 4.10
CA ILE A 227 18.22 12.92 3.09
C ILE A 227 18.81 11.70 3.78
N LYS A 228 18.14 10.56 3.64
CA LYS A 228 18.60 9.29 4.20
C LYS A 228 19.08 8.39 3.08
N ILE A 229 20.26 7.81 3.25
CA ILE A 229 20.81 6.84 2.31
C ILE A 229 21.07 5.55 3.07
N VAL A 230 20.65 4.44 2.48
CA VAL A 230 20.73 3.13 3.12
C VAL A 230 21.64 2.22 2.30
N ARG A 231 22.62 1.62 2.97
CA ARG A 231 23.39 0.52 2.40
C ARG A 231 23.02 -0.75 3.15
N TYR A 232 22.63 -1.79 2.41
CA TYR A 232 22.22 -3.03 3.02
C TYR A 232 23.43 -3.96 3.20
N ASN A 233 23.19 -5.14 3.78
CA ASN A 233 24.30 -5.99 4.23
C ASN A 233 25.26 -6.32 3.10
N GLN A 234 24.77 -6.39 1.86
CA GLN A 234 25.60 -6.57 0.68
C GLN A 234 25.26 -5.51 -0.36
N PRO A 235 26.22 -5.09 -1.17
CA PRO A 235 25.97 -4.01 -2.15
C PRO A 235 24.96 -4.41 -3.22
N LEU A 236 24.48 -3.40 -3.96
CA LEU A 236 23.38 -3.66 -4.89
C LEU A 236 23.84 -4.45 -6.10
N ASN A 237 24.95 -4.03 -6.69
CA ASN A 237 25.53 -4.70 -7.85
C ASN A 237 26.22 -6.02 -7.51
N SER A 238 26.20 -6.47 -6.26
CA SER A 238 26.80 -7.75 -5.94
C SER A 238 26.00 -8.89 -6.58
N THR A 239 26.67 -10.02 -6.79
CA THR A 239 26.05 -11.12 -7.52
C THR A 239 25.00 -11.83 -6.67
N ALA A 240 25.40 -12.30 -5.48
CA ALA A 240 24.48 -13.08 -4.64
C ALA A 240 23.19 -12.30 -4.36
N MSE A 241 23.30 -10.99 -4.17
CA MSE A 241 22.12 -10.15 -4.09
C MSE A 241 21.40 -10.12 -5.42
O MSE A 241 20.28 -10.60 -5.50
CB MSE A 241 22.51 -8.72 -3.66
CG MSE A 241 21.45 -7.61 -3.85
SE MSE A 241 20.11 -7.57 -2.47
CE MSE A 241 20.66 -6.38 -1.09
N GLN A 242 22.04 -9.65 -6.49
CA GLN A 242 21.44 -9.50 -7.83
C GLN A 242 20.53 -10.64 -8.28
N VAL A 243 20.77 -11.86 -7.82
CA VAL A 243 19.83 -12.93 -8.08
C VAL A 243 18.62 -12.87 -7.17
N PHE A 244 18.74 -12.21 -6.00
CA PHE A 244 17.61 -12.09 -5.09
C PHE A 244 16.54 -11.16 -5.66
N LEU A 245 16.94 -10.01 -6.21
CA LEU A 245 15.94 -9.10 -6.78
C LEU A 245 15.24 -9.67 -8.02
N LYS A 246 15.64 -10.83 -8.52
CA LYS A 246 14.97 -11.44 -9.65
C LYS A 246 14.22 -12.72 -9.29
N ASN A 247 14.20 -13.09 -8.02
CA ASN A 247 13.32 -14.16 -7.56
C ASN A 247 11.88 -13.80 -7.91
N PRO A 248 11.15 -14.68 -8.61
CA PRO A 248 9.79 -14.32 -9.04
C PRO A 248 8.83 -14.10 -7.88
N LEU A 249 9.11 -14.67 -6.70
CA LEU A 249 8.23 -14.47 -5.55
C LEU A 249 8.04 -13.00 -5.22
N LEU A 250 9.07 -12.18 -5.46
CA LEU A 250 9.04 -10.79 -5.03
C LEU A 250 7.86 -10.03 -5.64
N SER A 251 7.54 -10.30 -6.90
CA SER A 251 6.45 -9.60 -7.56
C SER A 251 5.09 -9.91 -6.93
N HIS A 252 4.96 -11.05 -6.26
CA HIS A 252 3.70 -11.45 -5.65
C HIS A 252 3.57 -10.99 -4.20
N ILE A 253 4.61 -10.35 -3.64
CA ILE A 253 4.55 -9.90 -2.26
C ILE A 253 3.49 -8.81 -2.11
N ARG A 254 2.76 -8.86 -0.98
CA ARG A 254 1.79 -7.84 -0.64
C ARG A 254 1.95 -7.49 0.84
N THR A 255 1.38 -6.34 1.22
CA THR A 255 1.54 -5.81 2.56
C THR A 255 0.20 -5.74 3.27
N VAL A 256 0.21 -6.03 4.57
CA VAL A 256 -0.99 -5.94 5.40
C VAL A 256 -1.03 -4.58 6.11
N THR B 2 -25.66 11.62 -5.73
CA THR B 2 -26.17 10.27 -5.91
C THR B 2 -27.27 10.21 -6.95
N GLN B 3 -27.07 9.44 -8.01
CA GLN B 3 -28.19 9.14 -8.91
C GLN B 3 -29.30 8.43 -8.15
N PHE B 4 -28.94 7.59 -7.18
CA PHE B 4 -29.92 7.04 -6.24
C PHE B 4 -29.18 6.54 -5.00
N ASN B 5 -29.96 6.28 -3.96
CA ASN B 5 -29.44 5.85 -2.66
C ASN B 5 -29.96 4.48 -2.30
N ILE B 6 -29.12 3.71 -1.62
CA ILE B 6 -29.48 2.44 -1.02
C ILE B 6 -29.33 2.60 0.49
N THR B 7 -30.44 2.60 1.21
CA THR B 7 -30.34 2.76 2.66
C THR B 7 -29.76 1.51 3.28
N TRP B 8 -29.17 1.68 4.48
CA TRP B 8 -28.62 0.54 5.19
C TRP B 8 -29.71 -0.45 5.57
N GLU B 9 -30.95 0.03 5.76
CA GLU B 9 -32.05 -0.89 6.06
C GLU B 9 -32.36 -1.80 4.88
N GLU B 10 -32.34 -1.25 3.66
CA GLU B 10 -32.51 -2.10 2.48
C GLU B 10 -31.47 -3.19 2.43
N GLN B 11 -30.20 -2.83 2.70
CA GLN B 11 -29.13 -3.81 2.69
C GLN B 11 -29.35 -4.87 3.76
N LEU B 12 -29.69 -4.45 4.98
CA LEU B 12 -29.89 -5.40 6.08
C LEU B 12 -31.04 -6.35 5.78
N GLN B 13 -32.12 -5.85 5.18
CA GLN B 13 -33.23 -6.72 4.83
C GLN B 13 -32.83 -7.79 3.83
N ALA B 14 -32.00 -7.42 2.85
CA ALA B 14 -31.49 -8.41 1.91
C ALA B 14 -30.55 -9.39 2.59
N LEU B 15 -29.68 -8.90 3.48
CA LEU B 15 -28.74 -9.79 4.16
C LEU B 15 -29.44 -10.71 5.14
N SER B 16 -30.60 -10.31 5.66
CA SER B 16 -31.27 -11.16 6.65
CA SER B 16 -31.32 -11.13 6.64
C SER B 16 -31.92 -12.39 6.02
N LYS B 17 -32.01 -12.46 4.70
CA LYS B 17 -32.51 -13.66 4.05
C LYS B 17 -31.46 -14.74 3.92
N LEU B 18 -30.22 -14.46 4.29
CA LEU B 18 -29.13 -15.44 4.26
C LEU B 18 -29.14 -16.27 5.53
N ASP B 19 -29.12 -17.60 5.35
CA ASP B 19 -28.96 -18.52 6.48
C ASP B 19 -27.63 -18.28 7.19
N GLY B 20 -27.67 -18.27 8.51
CA GLY B 20 -26.46 -18.27 9.31
C GLY B 20 -25.71 -16.96 9.41
N LEU B 21 -26.27 -15.87 8.88
CA LEU B 21 -25.64 -14.56 8.95
C LEU B 21 -26.22 -13.80 10.14
N HIS B 22 -25.36 -13.46 11.10
CA HIS B 22 -25.77 -12.67 12.25
C HIS B 22 -24.89 -11.46 12.52
N HIS B 23 -23.68 -11.42 11.99
CA HIS B 23 -22.74 -10.32 12.23
C HIS B 23 -22.22 -9.80 10.89
N PRO B 24 -23.07 -9.13 10.12
CA PRO B 24 -22.61 -8.57 8.85
C PRO B 24 -21.60 -7.45 9.08
N HIS B 25 -20.91 -7.09 7.99
CA HIS B 25 -20.09 -5.89 7.97
C HIS B 25 -20.92 -4.67 8.33
N LYS B 26 -20.28 -3.60 8.80
CA LYS B 26 -20.96 -2.34 9.03
C LYS B 26 -21.72 -1.91 7.79
N LEU B 27 -22.99 -1.56 7.97
CA LEU B 27 -23.86 -1.15 6.87
C LEU B 27 -24.22 0.32 7.03
N GLU B 28 -23.93 1.11 5.99
CA GLU B 28 -24.28 2.52 5.97
C GLU B 28 -25.03 2.83 4.68
N ASP B 29 -25.78 3.94 4.71
CA ASP B 29 -26.43 4.43 3.50
C ASP B 29 -25.42 4.60 2.38
N ILE B 30 -25.76 4.09 1.20
CA ILE B 30 -24.88 4.14 0.04
C ILE B 30 -25.43 5.15 -0.95
N SER B 31 -24.59 6.08 -1.38
CA SER B 31 -24.87 6.97 -2.49
C SER B 31 -24.28 6.34 -3.75
N VAL B 32 -25.12 6.05 -4.74
CA VAL B 32 -24.73 5.29 -5.92
C VAL B 32 -24.76 6.20 -7.13
N HIS B 33 -23.65 6.25 -7.86
CA HIS B 33 -23.56 6.88 -9.17
C HIS B 33 -23.26 5.82 -10.21
N TRP B 34 -23.78 6.01 -11.42
CA TRP B 34 -23.47 5.09 -12.50
C TRP B 34 -23.56 5.81 -13.84
N VAL B 35 -22.73 5.36 -14.78
CA VAL B 35 -22.70 5.87 -16.15
C VAL B 35 -22.66 4.67 -17.09
N PHE B 36 -23.40 4.78 -18.20
CA PHE B 36 -23.39 3.75 -19.24
C PHE B 36 -22.42 4.15 -20.34
N ASN B 37 -21.67 3.17 -20.84
CA ASN B 37 -20.71 3.42 -21.91
C ASN B 37 -21.16 2.69 -23.17
N PRO B 38 -21.65 3.41 -24.19
CA PRO B 38 -22.17 2.72 -25.39
C PRO B 38 -21.11 2.01 -26.22
N VAL B 39 -19.84 2.40 -26.12
CA VAL B 39 -18.82 1.84 -27.01
C VAL B 39 -18.54 0.37 -26.67
N ASP B 40 -18.33 0.08 -25.39
CA ASP B 40 -18.06 -1.29 -24.96
C ASP B 40 -19.24 -1.92 -24.22
N ILE B 41 -20.39 -1.24 -24.20
CA ILE B 41 -21.63 -1.75 -23.60
C ILE B 41 -21.37 -2.17 -22.16
N SER B 42 -21.00 -1.22 -21.31
CA SER B 42 -20.72 -1.53 -19.91
C SER B 42 -21.23 -0.40 -19.03
N VAL B 43 -21.46 -0.73 -17.77
CA VAL B 43 -21.92 0.23 -16.77
C VAL B 43 -20.84 0.34 -15.71
N PHE B 44 -20.43 1.57 -15.41
CA PHE B 44 -19.47 1.86 -14.37
C PHE B 44 -20.21 2.43 -13.16
N VAL B 45 -20.03 1.81 -12.00
CA VAL B 45 -20.79 2.13 -10.80
C VAL B 45 -19.82 2.59 -9.72
N THR B 46 -20.15 3.71 -9.06
CA THR B 46 -19.40 4.19 -7.91
C THR B 46 -20.33 4.18 -6.69
N CYS B 47 -19.86 3.61 -5.59
CA CYS B 47 -20.59 3.57 -4.34
C CYS B 47 -19.82 4.31 -3.27
N ALA B 48 -20.47 5.28 -2.63
CA ALA B 48 -19.84 6.10 -1.61
C ALA B 48 -20.65 6.03 -0.32
N THR B 49 -19.95 5.76 0.79
CA THR B 49 -20.51 5.85 2.12
C THR B 49 -19.69 6.87 2.92
N MSE B 50 -20.19 7.20 4.10
CA MSE B 50 -19.54 8.21 4.93
C MSE B 50 -18.24 7.70 5.55
O MSE B 50 -17.27 8.44 5.66
CB MSE B 50 -20.49 8.70 6.02
CG MSE B 50 -19.93 9.84 6.87
SE MSE B 50 -21.22 10.48 8.17
CE MSE B 50 -21.94 8.76 8.76
N SER B 51 -18.23 6.42 5.95
CA SER B 51 -17.08 5.86 6.64
C SER B 51 -16.02 5.33 5.67
N SER B 52 -16.39 4.35 4.85
CA SER B 52 -15.45 3.71 3.94
C SER B 52 -15.19 4.61 2.74
N HIS B 53 -14.14 4.27 1.99
CA HIS B 53 -13.83 4.97 0.75
C HIS B 53 -14.60 4.35 -0.42
N ASN B 54 -14.69 5.12 -1.50
CA ASN B 54 -15.57 4.76 -2.61
C ASN B 54 -15.13 3.46 -3.28
N THR B 55 -16.07 2.53 -3.43
CA THR B 55 -15.86 1.33 -4.22
C THR B 55 -16.46 1.53 -5.60
N HIS B 56 -15.95 0.78 -6.57
CA HIS B 56 -16.41 0.89 -7.95
C HIS B 56 -16.59 -0.51 -8.55
N TYR B 57 -17.53 -0.60 -9.48
CA TYR B 57 -17.77 -1.83 -10.20
C TYR B 57 -17.98 -1.53 -11.68
N THR B 58 -17.75 -2.54 -12.51
CA THR B 58 -18.08 -2.50 -13.93
C THR B 58 -18.78 -3.79 -14.30
N PHE B 59 -19.97 -3.69 -14.90
CA PHE B 59 -20.70 -4.86 -15.33
C PHE B 59 -21.29 -4.61 -16.71
N LYS B 60 -21.63 -5.70 -17.39
CA LYS B 60 -22.21 -5.61 -18.73
C LYS B 60 -23.71 -5.81 -18.64
N PRO B 61 -24.51 -4.82 -19.03
CA PRO B 61 -25.97 -4.95 -18.91
C PRO B 61 -26.55 -5.84 -20.01
N GLN B 62 -27.57 -6.61 -19.64
CA GLN B 62 -28.27 -7.48 -20.58
C GLN B 62 -29.54 -6.85 -21.10
N SER B 63 -29.88 -5.65 -20.64
CA SER B 63 -30.90 -4.80 -21.22
C SER B 63 -30.50 -3.36 -20.91
N SER B 64 -31.35 -2.41 -21.33
CA SER B 64 -30.98 -1.00 -21.20
C SER B 64 -30.84 -0.64 -19.72
N PRO B 65 -29.76 0.02 -19.32
CA PRO B 65 -29.51 0.24 -17.88
C PRO B 65 -30.49 1.24 -17.28
N ASP B 66 -30.88 0.98 -16.04
CA ASP B 66 -31.66 1.93 -15.24
C ASP B 66 -31.25 1.76 -13.78
N ASP B 67 -31.83 2.61 -12.92
CA ASP B 67 -31.49 2.58 -11.51
C ASP B 67 -31.82 1.22 -10.89
N ALA B 68 -32.95 0.63 -11.27
CA ALA B 68 -33.38 -0.63 -10.68
C ALA B 68 -32.37 -1.75 -10.94
N MSE B 69 -31.79 -1.77 -12.13
CA MSE B 69 -30.79 -2.78 -12.47
C MSE B 69 -29.50 -2.56 -11.68
O MSE B 69 -28.88 -3.50 -11.20
CB MSE B 69 -30.50 -2.75 -13.97
CG MSE B 69 -29.26 -3.52 -14.37
SE MSE B 69 -28.78 -3.22 -16.23
CE MSE B 69 -30.36 -4.00 -17.07
N VAL B 70 -29.09 -1.28 -11.58
CA VAL B 70 -27.87 -0.97 -10.84
C VAL B 70 -28.07 -1.24 -9.35
N ARG B 71 -29.25 -0.89 -8.82
CA ARG B 71 -29.55 -1.19 -7.43
CA ARG B 71 -29.55 -1.18 -7.43
C ARG B 71 -29.44 -2.68 -7.16
N GLU B 72 -30.02 -3.49 -8.04
CA GLU B 72 -29.97 -4.94 -7.87
C GLU B 72 -28.54 -5.46 -7.97
N TYR B 73 -27.75 -4.89 -8.88
CA TYR B 73 -26.36 -5.33 -9.02
C TYR B 73 -25.55 -5.02 -7.78
N VAL B 74 -25.69 -3.80 -7.24
CA VAL B 74 -24.94 -3.42 -6.05
C VAL B 74 -25.33 -4.31 -4.87
N LEU B 75 -26.63 -4.61 -4.74
CA LEU B 75 -27.08 -5.53 -3.70
C LEU B 75 -26.41 -6.88 -3.83
N SER B 76 -26.29 -7.40 -5.05
CA SER B 76 -25.64 -8.69 -5.26
C SER B 76 -24.19 -8.66 -4.81
N ARG B 77 -23.52 -7.50 -4.94
CA ARG B 77 -22.14 -7.39 -4.50
C ARG B 77 -22.05 -7.30 -2.97
N ILE B 78 -23.00 -6.59 -2.36
CA ILE B 78 -23.04 -6.52 -0.90
C ILE B 78 -23.36 -7.89 -0.30
N ILE B 79 -24.33 -8.59 -0.91
CA ILE B 79 -24.68 -9.93 -0.43
C ILE B 79 -23.48 -10.86 -0.51
N ALA B 80 -22.82 -10.89 -1.67
CA ALA B 80 -21.62 -11.72 -1.82
C ALA B 80 -20.55 -11.32 -0.82
N ASP B 81 -20.41 -10.01 -0.58
CA ASP B 81 -19.38 -9.52 0.33
C ASP B 81 -19.59 -9.97 1.77
N ASN B 82 -20.82 -10.29 2.15
CA ASN B 82 -21.11 -10.67 3.53
C ASN B 82 -21.24 -12.16 3.73
N LEU B 83 -21.10 -12.97 2.67
CA LEU B 83 -21.06 -14.41 2.85
C LEU B 83 -19.90 -14.83 3.76
N LYS B 84 -18.79 -14.09 3.71
CA LYS B 84 -17.66 -14.37 4.58
C LYS B 84 -18.01 -14.29 6.07
N TYR B 85 -19.12 -13.65 6.41
CA TYR B 85 -19.52 -13.49 7.80
C TYR B 85 -20.62 -14.45 8.22
N VAL B 86 -21.11 -15.27 7.30
CA VAL B 86 -21.99 -16.38 7.68
C VAL B 86 -21.23 -17.28 8.64
N ASP B 87 -21.90 -17.67 9.74
CA ASP B 87 -21.27 -18.41 10.84
C ASP B 87 -20.34 -19.52 10.35
N ASN B 88 -20.88 -20.49 9.62
CA ASN B 88 -20.09 -21.66 9.24
C ASN B 88 -19.00 -21.30 8.24
N LEU B 89 -19.22 -20.31 7.39
CA LEU B 89 -18.18 -19.90 6.45
C LEU B 89 -17.07 -19.14 7.19
N TYR B 90 -17.45 -18.27 8.12
CA TYR B 90 -16.48 -17.56 8.94
C TYR B 90 -15.66 -18.54 9.79
N LEU B 91 -16.33 -19.53 10.38
CA LEU B 91 -15.62 -20.53 11.19
C LEU B 91 -14.68 -21.36 10.34
N ALA B 92 -15.10 -21.73 9.13
CA ALA B 92 -14.24 -22.54 8.26
C ALA B 92 -12.98 -21.78 7.88
N ALA B 93 -13.09 -20.48 7.62
CA ALA B 93 -11.90 -19.69 7.34
C ALA B 93 -11.05 -19.51 8.58
N GLY B 94 -11.70 -19.34 9.74
CA GLY B 94 -10.95 -19.18 10.98
C GLY B 94 -10.10 -20.38 11.32
N ALA B 95 -10.60 -21.59 11.01
CA ALA B 95 -9.80 -22.79 11.25
C ALA B 95 -8.58 -22.85 10.34
N VAL B 96 -8.68 -22.32 9.12
CA VAL B 96 -7.52 -22.26 8.23
C VAL B 96 -6.48 -21.31 8.80
N ILE B 97 -6.91 -20.11 9.19
CA ILE B 97 -5.98 -19.08 9.65
C ILE B 97 -5.35 -19.49 10.99
N CYS B 98 -6.19 -19.93 11.94
CA CYS B 98 -5.69 -20.29 13.26
C CYS B 98 -4.86 -21.58 13.24
N GLY B 99 -5.05 -22.42 12.23
CA GLY B 99 -4.30 -23.66 12.10
C GLY B 99 -2.87 -23.51 11.62
N ASN B 100 -2.39 -22.29 11.42
CA ASN B 100 -1.05 -22.06 10.92
C ASN B 100 -0.57 -20.72 11.45
N ASP B 101 0.49 -20.74 12.26
CA ASP B 101 1.06 -19.50 12.77
C ASP B 101 1.59 -18.62 11.64
N GLU B 102 1.98 -19.22 10.52
CA GLU B 102 2.50 -18.44 9.41
C GLU B 102 1.40 -17.79 8.56
N TYR B 103 0.15 -18.25 8.69
CA TYR B 103 -0.96 -17.64 7.98
C TYR B 103 -1.44 -16.39 8.72
N ILE B 104 -1.53 -15.27 8.01
CA ILE B 104 -2.10 -14.02 8.50
CA ILE B 104 -2.18 -14.08 8.55
C ILE B 104 -3.21 -13.60 7.54
N SER B 105 -4.28 -12.99 8.05
CA SER B 105 -5.43 -12.64 7.24
C SER B 105 -5.70 -11.15 7.22
N ASP B 106 -5.98 -10.64 6.02
CA ASP B 106 -6.64 -9.35 5.80
C ASP B 106 -8.09 -9.40 6.26
N GLY B 107 -8.85 -10.32 5.70
CA GLY B 107 -10.28 -10.30 5.69
C GLY B 107 -10.69 -10.83 4.33
N ASN B 108 -9.92 -10.47 3.29
CA ASN B 108 -10.11 -11.05 1.97
C ASN B 108 -8.90 -11.80 1.44
N VAL B 109 -7.74 -11.66 2.05
CA VAL B 109 -6.53 -12.36 1.62
C VAL B 109 -5.94 -13.09 2.82
N VAL B 110 -5.67 -14.38 2.65
CA VAL B 110 -4.86 -15.15 3.59
C VAL B 110 -3.49 -15.36 2.96
N GLY B 111 -2.44 -15.02 3.71
CA GLY B 111 -1.11 -15.03 3.16
C GLY B 111 -0.10 -15.54 4.16
N ILE B 112 1.03 -16.00 3.62
CA ILE B 112 2.15 -16.49 4.42
C ILE B 112 2.95 -15.29 4.91
N HIS B 113 3.09 -15.16 6.23
CA HIS B 113 3.85 -14.06 6.82
C HIS B 113 5.33 -14.26 6.53
N ILE B 114 5.96 -13.26 5.89
CA ILE B 114 7.34 -13.42 5.45
C ILE B 114 8.24 -12.40 6.13
N ALA B 115 7.70 -11.26 6.54
CA ALA B 115 8.53 -10.22 7.14
C ALA B 115 7.65 -9.19 7.83
N ASP B 116 8.22 -8.53 8.84
CA ASP B 116 7.61 -7.40 9.52
C ASP B 116 8.15 -6.10 8.94
N GLY B 117 7.28 -5.12 8.79
CA GLY B 117 7.69 -3.81 8.31
C GLY B 117 8.19 -2.91 9.44
N ASN B 121 3.65 -3.11 10.34
CA ASN B 121 3.17 -3.60 9.05
C ASN B 121 3.82 -4.93 8.70
N LYS B 122 3.07 -5.78 7.99
CA LYS B 122 3.51 -7.14 7.69
C LYS B 122 3.53 -7.38 6.19
N LEU B 123 4.39 -8.30 5.78
CA LEU B 123 4.60 -8.65 4.38
C LEU B 123 4.17 -10.10 4.18
N ILE B 124 3.44 -10.37 3.10
CA ILE B 124 2.84 -11.69 2.89
C ILE B 124 2.96 -12.13 1.45
N LEU B 125 3.04 -13.46 1.28
CA LEU B 125 2.75 -14.11 0.01
C LEU B 125 1.31 -14.58 0.04
N PRO B 126 0.41 -14.01 -0.75
CA PRO B 126 -0.99 -14.48 -0.74
C PRO B 126 -1.07 -15.93 -1.19
N VAL B 127 -1.93 -16.71 -0.52
CA VAL B 127 -2.17 -18.09 -0.90
C VAL B 127 -3.66 -18.34 -1.07
N ILE B 128 -4.48 -17.60 -0.33
CA ILE B 128 -5.93 -17.70 -0.44
C ILE B 128 -6.51 -16.30 -0.57
N GLU B 129 -7.32 -16.10 -1.60
CA GLU B 129 -8.00 -14.83 -1.79
C GLU B 129 -9.50 -15.08 -1.94
N PHE B 130 -10.29 -14.39 -1.13
CA PHE B 130 -11.75 -14.41 -1.26
C PHE B 130 -12.15 -13.32 -2.24
N MSE B 131 -12.95 -13.69 -3.24
CA MSE B 131 -13.32 -12.77 -4.30
C MSE B 131 -14.84 -12.71 -4.48
O MSE B 131 -15.37 -13.28 -5.43
CB MSE B 131 -12.65 -13.18 -5.62
CG MSE B 131 -11.16 -13.39 -5.50
SE MSE B 131 -10.36 -14.11 -7.15
CE MSE B 131 -10.69 -12.60 -8.33
N PRO B 132 -15.52 -12.01 -3.58
CA PRO B 132 -16.98 -11.92 -3.66
C PRO B 132 -17.41 -11.18 -4.92
N GLY B 133 -18.53 -11.62 -5.48
CA GLY B 133 -19.07 -11.01 -6.68
C GLY B 133 -18.32 -11.32 -7.96
N VAL B 134 -17.36 -12.24 -7.93
CA VAL B 134 -16.57 -12.58 -9.10
C VAL B 134 -16.79 -14.05 -9.42
N HIS B 135 -16.95 -14.36 -10.71
CA HIS B 135 -16.98 -15.73 -11.20
C HIS B 135 -15.81 -15.93 -12.17
N VAL B 136 -15.24 -17.13 -12.17
CA VAL B 136 -14.03 -17.39 -12.95
C VAL B 136 -14.26 -17.30 -14.45
N ASP B 137 -15.49 -17.50 -14.91
CA ASP B 137 -15.75 -17.46 -16.34
C ASP B 137 -15.58 -16.05 -16.91
N ASP B 138 -15.77 -15.03 -16.09
CA ASP B 138 -15.64 -13.65 -16.53
C ASP B 138 -14.20 -13.16 -16.58
N ILE B 139 -13.24 -13.98 -16.12
CA ILE B 139 -11.84 -13.60 -16.14
C ILE B 139 -11.00 -14.73 -16.74
N SER B 140 -11.68 -15.75 -17.26
CA SER B 140 -10.95 -16.90 -17.79
C SER B 140 -10.16 -16.55 -19.04
N ASP B 141 -10.64 -15.60 -19.85
CA ASP B 141 -9.93 -15.23 -21.06
C ASP B 141 -8.56 -14.66 -20.76
N LYS B 142 -8.47 -13.74 -19.80
CA LYS B 142 -7.18 -13.20 -19.43
C LYS B 142 -6.33 -14.24 -18.70
N LEU B 143 -6.97 -15.17 -17.99
CA LEU B 143 -6.23 -16.24 -17.34
C LEU B 143 -5.61 -17.19 -18.35
N ILE B 144 -6.37 -17.55 -19.39
CA ILE B 144 -5.81 -18.38 -20.46
C ILE B 144 -4.66 -17.65 -21.15
N LYS B 145 -4.80 -16.34 -21.34
CA LYS B 145 -3.79 -15.59 -22.06
C LYS B 145 -2.51 -15.44 -21.24
N SER B 146 -2.64 -15.17 -19.95
CA SER B 146 -1.47 -14.87 -19.12
C SER B 146 -0.84 -16.09 -18.47
N SER B 147 -1.53 -17.24 -18.48
CA SER B 147 -0.96 -18.46 -17.91
C SER B 147 -0.34 -19.32 -18.99
N SER B 148 0.49 -20.27 -18.56
CA SER B 148 1.13 -21.18 -19.51
C SER B 148 0.11 -22.16 -20.09
N TYR B 149 -0.72 -22.75 -19.24
CA TYR B 149 -1.74 -23.70 -19.67
C TYR B 149 -2.71 -23.94 -18.54
N GLN B 150 -3.80 -24.62 -18.87
CA GLN B 150 -4.81 -25.02 -17.90
C GLN B 150 -4.63 -26.50 -17.55
N GLY B 151 -4.69 -26.81 -16.26
CA GLY B 151 -4.59 -28.16 -15.78
C GLY B 151 -5.92 -28.68 -15.24
N ILE B 152 -5.83 -29.81 -14.55
CA ILE B 152 -7.01 -30.43 -13.94
C ILE B 152 -6.86 -30.41 -12.44
N PHE B 153 -8.00 -30.37 -11.74
CA PHE B 153 -8.02 -30.38 -10.28
C PHE B 153 -9.17 -31.26 -9.83
N LYS B 154 -8.86 -32.34 -9.13
CA LYS B 154 -9.89 -33.22 -8.58
C LYS B 154 -10.57 -32.52 -7.41
N THR B 155 -11.90 -32.41 -7.48
CA THR B 155 -12.63 -31.52 -6.58
C THR B 155 -12.52 -31.98 -5.13
N ASP B 156 -13.02 -33.18 -4.83
CA ASP B 156 -13.07 -33.70 -3.46
C ASP B 156 -12.01 -34.77 -3.31
N ASN B 157 -10.80 -34.36 -2.95
CA ASN B 157 -9.66 -35.26 -2.83
C ASN B 157 -8.63 -34.60 -1.92
N LEU B 158 -8.28 -35.27 -0.82
CA LEU B 158 -7.39 -34.66 0.16
C LEU B 158 -5.98 -34.47 -0.37
N GLU B 159 -5.52 -35.36 -1.26
CA GLU B 159 -4.14 -35.26 -1.75
C GLU B 159 -3.93 -34.04 -2.62
N GLU B 160 -4.97 -33.58 -3.34
CA GLU B 160 -4.86 -32.34 -4.10
C GLU B 160 -4.54 -31.18 -3.18
N PHE B 161 -5.19 -31.10 -2.02
CA PHE B 161 -4.99 -29.97 -1.13
C PHE B 161 -3.68 -30.06 -0.37
N GLU B 162 -3.18 -31.27 -0.11
CA GLU B 162 -1.82 -31.40 0.39
C GLU B 162 -0.83 -30.78 -0.58
N PHE B 163 -1.01 -31.04 -1.88
CA PHE B 163 -0.18 -30.39 -2.89
C PHE B 163 -0.30 -28.87 -2.79
N LEU B 164 -1.52 -28.36 -2.64
CA LEU B 164 -1.74 -26.92 -2.74
C LEU B 164 -1.20 -26.18 -1.52
N VAL B 165 -1.45 -26.69 -0.32
CA VAL B 165 -1.18 -25.89 0.89
C VAL B 165 -0.41 -26.69 1.94
N ASP B 166 0.09 -27.87 1.57
CA ASP B 166 0.85 -28.78 2.43
C ASP B 166 -0.04 -29.49 3.44
N LYS B 167 0.47 -30.60 3.99
CA LYS B 167 -0.30 -31.48 4.87
C LYS B 167 -0.80 -30.74 6.11
N LYS B 168 -0.05 -29.75 6.57
CA LYS B 168 -0.43 -29.03 7.79
C LYS B 168 -1.79 -28.36 7.63
N ASN B 169 -2.08 -27.82 6.44
CA ASN B 169 -3.30 -27.05 6.21
C ASN B 169 -4.30 -27.75 5.30
N ALA B 170 -3.95 -28.92 4.76
CA ALA B 170 -4.73 -29.52 3.67
C ALA B 170 -6.19 -29.73 4.06
N ASN B 171 -6.43 -30.29 5.24
CA ASN B 171 -7.81 -30.60 5.61
C ASN B 171 -8.61 -29.35 5.93
N ASN B 172 -8.00 -28.37 6.59
CA ASN B 172 -8.71 -27.13 6.88
C ASN B 172 -9.10 -26.40 5.59
N VAL B 173 -8.17 -26.31 4.64
CA VAL B 173 -8.46 -25.63 3.38
C VAL B 173 -9.50 -26.41 2.59
N LYS B 174 -9.40 -27.74 2.59
CA LYS B 174 -10.41 -28.56 1.91
C LYS B 174 -11.78 -28.36 2.54
N GLU B 175 -11.84 -28.21 3.86
CA GLU B 175 -13.12 -27.97 4.52
C GLU B 175 -13.66 -26.58 4.20
N LEU B 176 -12.78 -25.59 4.02
CA LEU B 176 -13.22 -24.26 3.62
C LEU B 176 -13.94 -24.30 2.27
N ILE B 177 -13.32 -24.95 1.28
CA ILE B 177 -13.95 -25.09 -0.03
C ILE B 177 -15.27 -25.85 0.10
N LEU B 178 -15.27 -26.92 0.89
CA LEU B 178 -16.49 -27.71 1.05
C LEU B 178 -17.59 -26.92 1.75
N ALA B 179 -17.20 -26.07 2.71
CA ALA B 179 -18.20 -25.24 3.39
C ALA B 179 -18.87 -24.29 2.41
N TYR B 180 -18.08 -23.63 1.56
CA TYR B 180 -18.67 -22.75 0.55
C TYR B 180 -19.48 -23.54 -0.46
N THR B 181 -18.99 -24.73 -0.85
CA THR B 181 -19.72 -25.55 -1.80
C THR B 181 -21.07 -25.98 -1.24
N ASP B 182 -21.08 -26.41 0.03
CA ASP B 182 -22.34 -26.84 0.65
C ASP B 182 -23.29 -25.66 0.83
N TYR B 183 -22.76 -24.50 1.24
CA TYR B 183 -23.63 -23.35 1.47
C TYR B 183 -24.34 -22.94 0.19
N PHE B 184 -23.59 -22.84 -0.91
CA PHE B 184 -24.21 -22.45 -2.18
C PHE B 184 -25.22 -23.50 -2.66
N ALA B 185 -24.88 -24.78 -2.49
CA ALA B 185 -25.75 -25.84 -3.00
C ALA B 185 -27.01 -25.99 -2.16
N ASN B 186 -26.90 -25.85 -0.84
CA ASN B 186 -28.02 -26.10 0.05
C ASN B 186 -28.74 -24.83 0.50
N LYS B 187 -28.03 -23.71 0.63
CA LYS B 187 -28.62 -22.48 1.16
C LYS B 187 -28.88 -21.42 0.10
N LEU B 188 -28.28 -21.53 -1.08
CA LEU B 188 -28.50 -20.60 -2.18
C LEU B 188 -28.91 -21.35 -3.44
N ALA B 189 -29.71 -22.40 -3.26
CA ALA B 189 -29.99 -23.32 -4.36
C ALA B 189 -30.92 -22.69 -5.39
N PHE B 190 -30.63 -22.96 -6.66
CA PHE B 190 -31.55 -22.70 -7.76
C PHE B 190 -32.48 -23.90 -7.92
N LYS B 191 -33.64 -23.64 -8.52
CA LYS B 191 -34.53 -24.74 -8.88
C LYS B 191 -33.81 -25.75 -9.76
N ASP B 192 -33.13 -25.27 -10.80
CA ASP B 192 -32.22 -26.09 -11.57
C ASP B 192 -30.84 -25.96 -10.94
N PRO B 193 -30.31 -27.00 -10.29
CA PRO B 193 -29.12 -26.83 -9.45
C PRO B 193 -27.91 -26.33 -10.24
N ALA B 194 -27.28 -25.28 -9.72
CA ALA B 194 -26.05 -24.77 -10.29
C ALA B 194 -24.87 -25.61 -9.84
N GLU B 195 -23.95 -25.86 -10.74
CA GLU B 195 -22.78 -26.61 -10.35
C GLU B 195 -21.60 -25.68 -10.12
N PRO B 196 -20.77 -25.94 -9.11
CA PRO B 196 -19.59 -25.11 -8.91
C PRO B 196 -18.57 -25.31 -10.01
N ALA B 197 -17.84 -24.24 -10.32
CA ALA B 197 -16.80 -24.27 -11.33
C ALA B 197 -15.43 -24.30 -10.64
N VAL B 198 -14.60 -25.26 -11.05
CA VAL B 198 -13.24 -25.38 -10.55
C VAL B 198 -12.30 -25.37 -11.76
N GLU B 199 -11.32 -24.46 -11.74
CA GLU B 199 -10.42 -24.31 -12.87
C GLU B 199 -9.01 -24.03 -12.36
N MSE B 200 -8.05 -24.78 -12.88
CA MSE B 200 -6.66 -24.70 -12.46
C MSE B 200 -5.79 -24.15 -13.59
O MSE B 200 -5.91 -24.58 -14.74
CB MSE B 200 -6.14 -26.07 -12.01
CG MSE B 200 -4.73 -26.09 -11.46
SE MSE B 200 -3.34 -26.35 -12.82
CE MSE B 200 -2.88 -28.20 -12.44
N TYR B 201 -4.92 -23.19 -13.28
CA TYR B 201 -4.02 -22.61 -14.26
C TYR B 201 -2.59 -22.70 -13.76
N GLN B 202 -1.68 -23.08 -14.65
CA GLN B 202 -0.27 -23.14 -14.34
C GLN B 202 0.43 -21.94 -14.95
N PHE B 203 1.27 -21.27 -14.17
CA PHE B 203 2.08 -20.14 -14.61
C PHE B 203 3.54 -20.55 -14.59
N ILE B 204 4.41 -19.60 -14.97
CA ILE B 204 5.85 -19.87 -14.94
C ILE B 204 6.30 -20.24 -13.53
N ASP B 205 5.70 -19.62 -12.52
CA ASP B 205 6.20 -19.71 -11.16
C ASP B 205 5.18 -20.22 -10.15
N ARG B 206 3.96 -20.57 -10.56
CA ARG B 206 2.94 -20.87 -9.56
C ARG B 206 1.77 -21.61 -10.20
N THR B 207 0.99 -22.24 -9.33
CA THR B 207 -0.29 -22.84 -9.68
C THR B 207 -1.40 -22.02 -9.02
N GLU B 208 -2.46 -21.73 -9.78
CA GLU B 208 -3.62 -21.03 -9.25
C GLU B 208 -4.86 -21.87 -9.52
N VAL B 209 -5.65 -22.09 -8.47
CA VAL B 209 -6.91 -22.83 -8.57
C VAL B 209 -8.04 -21.90 -8.18
N TYR B 210 -9.05 -21.82 -9.04
CA TYR B 210 -10.21 -20.96 -8.81
C TYR B 210 -11.44 -21.82 -8.54
N PHE B 211 -12.11 -21.53 -7.43
CA PHE B 211 -13.36 -22.18 -7.05
C PHE B 211 -14.46 -21.13 -7.13
N SER B 212 -15.33 -21.25 -8.12
CA SER B 212 -16.38 -20.27 -8.33
C SER B 212 -17.76 -20.88 -8.07
N PHE B 213 -18.66 -20.03 -7.59
CA PHE B 213 -19.98 -20.46 -7.12
C PHE B 213 -21.05 -19.50 -7.61
N GLU B 214 -22.22 -20.05 -7.92
CA GLU B 214 -23.39 -19.26 -8.29
C GLU B 214 -24.50 -19.59 -7.31
N GLY B 215 -25.16 -18.56 -6.78
CA GLY B 215 -26.15 -18.74 -5.76
C GLY B 215 -27.42 -17.97 -6.04
N CYS B 216 -28.54 -18.53 -5.58
CA CYS B 216 -29.86 -17.93 -5.74
C CYS B 216 -30.24 -17.18 -4.47
N HIS B 217 -30.62 -15.91 -4.64
CA HIS B 217 -31.07 -15.04 -3.57
C HIS B 217 -32.34 -14.35 -4.01
N PRO B 218 -33.33 -14.23 -3.13
CA PRO B 218 -34.64 -13.67 -3.54
C PRO B 218 -34.58 -12.31 -4.20
N ASP B 219 -33.65 -11.45 -3.81
CA ASP B 219 -33.67 -10.04 -4.21
C ASP B 219 -32.76 -9.71 -5.39
N VAL B 220 -31.97 -10.67 -5.88
CA VAL B 220 -31.06 -10.41 -6.98
C VAL B 220 -31.15 -11.56 -7.97
N GLU B 221 -30.62 -11.32 -9.17
CA GLU B 221 -30.59 -12.38 -10.17
C GLU B 221 -29.63 -13.49 -9.75
N GLU B 222 -28.49 -13.13 -9.17
CA GLU B 222 -27.42 -14.09 -8.95
C GLU B 222 -26.47 -13.58 -7.89
N VAL B 223 -25.94 -14.49 -7.07
CA VAL B 223 -24.87 -14.19 -6.13
C VAL B 223 -23.63 -14.93 -6.61
N LEU B 224 -22.55 -14.20 -6.81
CA LEU B 224 -21.29 -14.77 -7.30
C LEU B 224 -20.24 -14.72 -6.21
N PHE B 225 -19.39 -15.75 -6.16
CA PHE B 225 -18.30 -15.80 -5.21
C PHE B 225 -17.21 -16.71 -5.76
N THR B 226 -15.97 -16.29 -5.60
CA THR B 226 -14.82 -17.07 -6.06
C THR B 226 -13.76 -17.10 -4.98
N ILE B 227 -13.18 -18.26 -4.76
CA ILE B 227 -12.02 -18.43 -3.89
C ILE B 227 -10.83 -18.83 -4.75
N LYS B 228 -9.75 -18.06 -4.67
CA LYS B 228 -8.51 -18.35 -5.37
C LYS B 228 -7.48 -18.89 -4.39
N ILE B 229 -6.87 -20.01 -4.75
CA ILE B 229 -5.78 -20.60 -3.98
C ILE B 229 -4.53 -20.62 -4.86
N VAL B 230 -3.42 -20.15 -4.31
CA VAL B 230 -2.16 -20.05 -5.03
C VAL B 230 -1.16 -21.01 -4.40
N ARG B 231 -0.49 -21.80 -5.22
CA ARG B 231 0.66 -22.59 -4.79
C ARG B 231 1.87 -22.16 -5.59
N TYR B 232 2.88 -21.66 -4.90
CA TYR B 232 4.11 -21.22 -5.55
C TYR B 232 5.00 -22.42 -5.84
N ASN B 233 5.75 -22.32 -6.95
CA ASN B 233 6.44 -23.50 -7.48
C ASN B 233 7.51 -24.02 -6.55
N GLN B 234 8.18 -23.15 -5.80
CA GLN B 234 9.17 -23.62 -4.85
C GLN B 234 8.49 -24.06 -3.57
N PRO B 235 8.72 -25.30 -3.11
CA PRO B 235 8.05 -25.78 -1.90
C PRO B 235 8.34 -24.88 -0.71
N LEU B 236 7.26 -24.45 -0.04
CA LEU B 236 7.41 -23.63 1.15
C LEU B 236 8.12 -24.37 2.27
N ASN B 237 8.25 -25.69 2.16
CA ASN B 237 8.77 -26.48 3.26
C ASN B 237 10.29 -26.32 3.42
N SER B 238 11.03 -26.27 2.32
CA SER B 238 12.49 -26.32 2.44
C SER B 238 13.14 -25.80 1.16
N THR B 239 14.47 -25.95 1.11
CA THR B 239 15.37 -25.59 0.00
C THR B 239 15.41 -24.07 -0.19
N ALA B 240 15.04 -23.58 -1.38
CA ALA B 240 15.20 -22.17 -1.69
C ALA B 240 14.31 -21.28 -0.84
N MSE B 241 13.23 -21.82 -0.29
CA MSE B 241 12.30 -21.04 0.51
C MSE B 241 12.95 -20.53 1.80
O MSE B 241 12.72 -19.40 2.21
CB MSE B 241 11.06 -21.86 0.85
CG MSE B 241 9.87 -21.01 1.24
SE MSE B 241 9.50 -19.63 -0.10
CE MSE B 241 8.17 -18.61 0.89
N GLN B 242 13.78 -21.38 2.42
CA GLN B 242 14.45 -20.98 3.65
C GLN B 242 15.52 -19.92 3.37
N VAL B 243 16.28 -20.08 2.27
CA VAL B 243 17.21 -19.04 1.86
C VAL B 243 16.47 -17.73 1.64
N PHE B 244 15.33 -17.79 0.95
CA PHE B 244 14.60 -16.58 0.60
C PHE B 244 14.00 -15.91 1.82
N LEU B 245 13.37 -16.69 2.70
CA LEU B 245 12.62 -16.10 3.81
C LEU B 245 13.51 -15.48 4.88
N LYS B 246 14.78 -15.89 4.97
CA LYS B 246 15.67 -15.36 5.99
C LYS B 246 16.45 -14.14 5.51
N ASN B 247 16.32 -13.76 4.24
CA ASN B 247 17.01 -12.59 3.73
C ASN B 247 16.48 -11.34 4.40
N PRO B 248 17.34 -10.56 5.09
CA PRO B 248 16.83 -9.43 5.88
C PRO B 248 16.25 -8.30 5.04
N LEU B 249 16.51 -8.27 3.74
CA LEU B 249 15.94 -7.22 2.90
C LEU B 249 14.44 -7.18 2.94
N LEU B 250 13.80 -8.34 3.10
CA LEU B 250 12.34 -8.40 3.07
C LEU B 250 11.73 -7.51 4.15
N SER B 251 12.41 -7.37 5.29
CA SER B 251 11.90 -6.56 6.38
C SER B 251 12.09 -5.07 6.16
N HIS B 252 12.67 -4.67 5.02
CA HIS B 252 12.83 -3.25 4.69
C HIS B 252 12.08 -2.88 3.42
N ILE B 253 11.35 -3.81 2.81
CA ILE B 253 10.50 -3.47 1.67
C ILE B 253 9.46 -2.48 2.12
N ARG B 254 9.35 -1.37 1.39
CA ARG B 254 8.48 -0.26 1.75
C ARG B 254 7.32 -0.16 0.77
N THR B 255 6.15 0.22 1.29
CA THR B 255 4.97 0.45 0.47
C THR B 255 4.76 1.95 0.32
N VAL B 256 4.71 2.42 -0.92
CA VAL B 256 4.43 3.81 -1.23
C VAL B 256 3.02 3.89 -1.80
N VAL B 257 2.18 4.69 -1.17
CA VAL B 257 0.79 4.83 -1.60
C VAL B 257 0.71 5.52 -2.95
N ARG C . 20.26 27.03 12.18
CA ARG C . 20.28 28.21 13.05
C ARG C . 21.71 28.67 13.30
O ARG C . 22.63 27.86 13.36
CB ARG C . 19.56 27.89 14.36
CG ARG C . 20.15 26.69 15.08
CD ARG C . 19.30 26.25 16.25
NE ARG C . 19.93 25.17 16.99
CZ ARG C . 19.83 23.89 16.68
NH1 ARG C . 19.11 23.51 15.62
NH2 ARG C . 20.45 22.97 17.41
OXT ARG C . 21.97 29.85 13.45
K K D . 16.18 4.83 -13.69
CB ARG E . -23.64 -19.66 -15.98
CG ARG E . -23.05 -18.25 -16.00
CD ARG E . -22.26 -17.94 -14.74
NE ARG E . -21.49 -16.73 -14.91
CZ ARG E . -21.81 -15.51 -14.50
NH1 ARG E . -22.92 -15.26 -13.78
NH2 ARG E . -20.99 -14.51 -14.77
K K F . -2.45 -17.54 12.25
#